data_1ARV
#
_entry.id   1ARV
#
_cell.length_a   74.570
_cell.length_b   74.570
_cell.length_c   117.470
_cell.angle_alpha   90.00
_cell.angle_beta   90.00
_cell.angle_gamma   90.00
#
_symmetry.space_group_name_H-M   'P 42 21 2'
#
loop_
_entity.id
_entity.type
_entity.pdbx_description
1 polymer PEROXIDASE
2 branched 2-acetamido-2-deoxy-beta-D-glucopyranose-(1-4)-2-acetamido-2-deoxy-beta-D-glucopyranose
3 non-polymer 'CYANIDE ION'
4 non-polymer 'CALCIUM ION'
5 non-polymer 'PROTOPORPHYRIN IX CONTAINING FE'
6 water water
#
_entity_poly.entity_id   1
_entity_poly.type   'polypeptide(L)'
_entity_poly.pdbx_seq_one_letter_code
;QGPGGGGGSVTCPGGQSTSNSQCCVWFDVLDDLQTNFYQGSKCESPVRKILRIVFHDAIGFSPALTAAGQFGGGGADGSI
IAHSNIELAFPANGGLTDTIEALRAVGINHGVSFGDLIQFATAVGMSNCPGSPRLEFLTGRSNSSQPSPPSLIPGPGNTV
TAILDRMGDAGFSPDEVVDLLAAHSLASQEGLNSAIFRSPLDSTPQVFDTQFYIETLLKGTTQPGPSLGFAEELSPFPGE
FRMRSDALLARDSRTACRWQSMTSSNEVMGQRYRAAMAKMSVLGFDRNALTDCSDVIPSAVSNNAAPVIPGGLTVDDIEV
SCPSEPFPEIATASGPLPSLAPAP
;
_entity_poly.pdbx_strand_id   A
#
loop_
_chem_comp.id
_chem_comp.type
_chem_comp.name
_chem_comp.formula
CA non-polymer 'CALCIUM ION' 'Ca 2'
CYN non-polymer 'CYANIDE ION' 'C N -1'
HEM non-polymer 'PROTOPORPHYRIN IX CONTAINING FE' 'C34 H32 Fe N4 O4'
NAG D-saccharide, beta linking 2-acetamido-2-deoxy-beta-D-glucopyranose 'C8 H15 N O6'
#
# COMPACT_ATOMS: atom_id res chain seq x y z
N SER A 9 -18.05 -6.07 -31.55
CA SER A 9 -17.74 -5.10 -30.52
C SER A 9 -16.27 -5.38 -30.17
N VAL A 10 -15.55 -4.58 -29.36
CA VAL A 10 -14.15 -4.87 -29.09
C VAL A 10 -14.00 -6.10 -28.19
N THR A 11 -13.55 -6.98 -29.05
CA THR A 11 -13.15 -8.33 -28.76
C THR A 11 -11.65 -8.23 -29.01
N CYS A 12 -10.87 -8.64 -28.01
CA CYS A 12 -9.42 -8.62 -28.13
C CYS A 12 -8.96 -9.92 -28.74
N PRO A 13 -7.73 -10.01 -29.27
CA PRO A 13 -7.17 -11.22 -29.87
C PRO A 13 -7.45 -12.50 -29.10
N GLY A 14 -7.30 -12.52 -27.78
CA GLY A 14 -7.55 -13.72 -27.01
C GLY A 14 -9.05 -13.98 -26.81
N GLY A 15 -9.98 -13.19 -27.35
CA GLY A 15 -11.40 -13.43 -27.25
C GLY A 15 -12.11 -12.79 -26.06
N GLN A 16 -11.38 -11.98 -25.31
CA GLN A 16 -11.99 -11.33 -24.16
C GLN A 16 -12.69 -10.10 -24.74
N SER A 17 -13.70 -9.63 -24.01
CA SER A 17 -14.45 -8.45 -24.42
C SER A 17 -13.94 -7.30 -23.59
N THR A 18 -13.66 -6.12 -24.16
CA THR A 18 -13.24 -5.02 -23.31
C THR A 18 -13.95 -3.77 -23.81
N SER A 19 -13.82 -2.68 -23.06
CA SER A 19 -14.45 -1.42 -23.42
C SER A 19 -13.76 -0.67 -24.56
N ASN A 20 -12.46 -0.81 -24.71
CA ASN A 20 -11.75 0.01 -25.68
C ASN A 20 -10.58 -0.76 -26.25
N SER A 21 -10.17 -0.55 -27.49
CA SER A 21 -9.06 -1.32 -28.06
C SER A 21 -7.74 -1.05 -27.37
N GLN A 22 -7.61 0.09 -26.68
CA GLN A 22 -6.41 0.39 -25.92
C GLN A 22 -6.25 -0.58 -24.76
N CYS A 23 -7.28 -1.28 -24.30
CA CYS A 23 -7.15 -2.22 -23.20
C CYS A 23 -6.59 -3.56 -23.66
N CYS A 24 -6.55 -3.92 -24.94
CA CYS A 24 -6.13 -5.26 -25.29
C CYS A 24 -4.72 -5.66 -24.94
N VAL A 25 -3.72 -4.76 -25.06
CA VAL A 25 -2.34 -5.07 -24.70
C VAL A 25 -2.28 -5.49 -23.23
N TRP A 26 -3.12 -4.90 -22.35
CA TRP A 26 -3.07 -5.20 -20.94
C TRP A 26 -3.43 -6.65 -20.65
N PHE A 27 -4.12 -7.42 -21.52
CA PHE A 27 -4.36 -8.84 -21.24
C PHE A 27 -3.01 -9.58 -21.37
N ASP A 28 -2.09 -9.16 -22.24
CA ASP A 28 -0.80 -9.83 -22.37
C ASP A 28 0.08 -9.56 -21.17
N VAL A 29 0.11 -8.31 -20.70
CA VAL A 29 0.96 -8.03 -19.55
C VAL A 29 0.34 -8.64 -18.31
N LEU A 30 -0.98 -8.89 -18.26
CA LEU A 30 -1.64 -9.61 -17.16
C LEU A 30 -1.00 -10.99 -17.10
N ASP A 31 -1.04 -11.72 -18.22
CA ASP A 31 -0.50 -13.08 -18.25
C ASP A 31 0.96 -13.17 -17.85
N ASP A 32 1.79 -12.27 -18.34
CA ASP A 32 3.19 -12.21 -18.03
C ASP A 32 3.41 -11.98 -16.52
N LEU A 33 2.77 -10.96 -15.96
CA LEU A 33 2.94 -10.64 -14.55
C LEU A 33 2.49 -11.77 -13.65
N GLN A 34 1.36 -12.41 -13.93
CA GLN A 34 0.85 -13.50 -13.09
C GLN A 34 1.75 -14.74 -13.15
N THR A 35 2.29 -15.06 -14.33
CA THR A 35 3.13 -16.23 -14.45
C THR A 35 4.52 -15.99 -13.95
N ASN A 36 5.04 -14.80 -14.20
CA ASN A 36 6.42 -14.58 -13.88
C ASN A 36 6.65 -13.76 -12.66
N PHE A 37 6.30 -12.48 -12.69
CA PHE A 37 6.51 -11.58 -11.56
C PHE A 37 5.90 -12.09 -10.26
N TYR A 38 4.65 -12.56 -10.37
CA TYR A 38 3.91 -13.02 -9.21
C TYR A 38 4.01 -14.53 -9.00
N GLN A 39 4.88 -15.21 -9.73
CA GLN A 39 5.14 -16.63 -9.49
C GLN A 39 3.92 -17.52 -9.40
N GLY A 40 2.99 -17.38 -10.33
CA GLY A 40 1.80 -18.20 -10.32
C GLY A 40 0.67 -17.59 -9.54
N SER A 41 0.44 -16.29 -9.75
CA SER A 41 -0.64 -15.53 -9.11
C SER A 41 -0.66 -15.56 -7.58
N LYS A 42 0.52 -15.45 -6.97
CA LYS A 42 0.65 -15.48 -5.52
C LYS A 42 0.64 -14.10 -4.87
N CYS A 43 0.34 -14.07 -3.57
CA CYS A 43 0.30 -12.81 -2.84
C CYS A 43 1.45 -12.85 -1.86
N GLU A 44 2.69 -12.69 -2.35
CA GLU A 44 3.87 -12.76 -1.48
C GLU A 44 4.69 -11.50 -1.61
N SER A 45 5.99 -11.48 -1.30
CA SER A 45 6.81 -10.27 -1.38
C SER A 45 6.69 -9.41 -2.65
N PRO A 46 6.61 -9.89 -3.92
CA PRO A 46 6.45 -9.05 -5.11
C PRO A 46 5.23 -8.14 -4.97
N VAL A 47 4.08 -8.62 -4.44
CA VAL A 47 2.92 -7.73 -4.26
C VAL A 47 3.25 -6.61 -3.26
N ARG A 48 3.85 -6.95 -2.11
CA ARG A 48 4.18 -5.96 -1.09
C ARG A 48 5.21 -4.96 -1.58
N LYS A 49 6.24 -5.37 -2.32
CA LYS A 49 7.21 -4.44 -2.88
C LYS A 49 6.49 -3.54 -3.92
N ILE A 50 5.61 -4.02 -4.82
CA ILE A 50 4.92 -3.14 -5.75
C ILE A 50 4.05 -2.11 -4.99
N LEU A 51 3.41 -2.42 -3.85
CA LEU A 51 2.62 -1.41 -3.13
C LEU A 51 3.52 -0.30 -2.59
N ARG A 52 4.74 -0.58 -2.12
CA ARG A 52 5.67 0.47 -1.72
C ARG A 52 6.03 1.31 -2.96
N ILE A 53 6.33 0.68 -4.10
CA ILE A 53 6.69 1.37 -5.32
C ILE A 53 5.54 2.26 -5.82
N VAL A 54 4.28 1.86 -5.83
CA VAL A 54 3.25 2.72 -6.38
C VAL A 54 3.12 4.00 -5.55
N PHE A 55 3.25 3.88 -4.21
CA PHE A 55 3.20 4.99 -3.29
C PHE A 55 4.41 5.88 -3.53
N HIS A 56 5.63 5.33 -3.59
CA HIS A 56 6.83 6.14 -3.75
C HIS A 56 6.95 6.82 -5.08
N ASP A 57 6.33 6.23 -6.09
CA ASP A 57 6.29 6.84 -7.39
C ASP A 57 5.27 7.98 -7.39
N ALA A 58 4.05 7.74 -6.95
CA ALA A 58 3.00 8.73 -6.99
C ALA A 58 3.17 9.92 -6.09
N ILE A 59 3.68 9.72 -4.87
CA ILE A 59 3.84 10.79 -3.93
C ILE A 59 4.94 11.79 -4.30
N GLY A 60 5.77 11.55 -5.34
CA GLY A 60 6.76 12.55 -5.73
C GLY A 60 5.99 13.57 -6.57
N PHE A 61 5.18 14.35 -5.86
CA PHE A 61 4.32 15.34 -6.44
C PHE A 61 4.13 16.42 -5.39
N SER A 62 4.54 17.66 -5.66
CA SER A 62 4.40 18.71 -4.68
C SER A 62 3.94 20.04 -5.28
N PRO A 63 2.64 20.39 -5.11
CA PRO A 63 2.11 21.70 -5.53
C PRO A 63 2.88 22.85 -4.87
N ALA A 64 3.36 22.71 -3.63
CA ALA A 64 4.11 23.77 -2.95
C ALA A 64 5.44 24.05 -3.65
N LEU A 65 6.17 23.03 -4.13
CA LEU A 65 7.43 23.24 -4.85
C LEU A 65 7.09 23.94 -6.14
N THR A 66 6.04 23.52 -6.88
CA THR A 66 5.62 24.20 -8.10
C THR A 66 5.32 25.69 -7.84
N ALA A 67 4.60 25.98 -6.77
CA ALA A 67 4.26 27.34 -6.41
C ALA A 67 5.50 28.17 -6.17
N ALA A 68 6.54 27.59 -5.58
CA ALA A 68 7.76 28.31 -5.32
C ALA A 68 8.66 28.38 -6.56
N GLY A 69 8.17 28.00 -7.73
CA GLY A 69 8.95 28.07 -8.94
C GLY A 69 9.89 26.88 -9.11
N GLN A 70 9.81 25.82 -8.32
CA GLN A 70 10.72 24.69 -8.50
C GLN A 70 9.97 23.55 -9.18
N PHE A 71 10.64 22.53 -9.74
CA PHE A 71 9.95 21.38 -10.30
C PHE A 71 9.41 20.61 -9.09
N GLY A 72 8.13 20.30 -9.12
CA GLY A 72 7.52 19.63 -7.99
C GLY A 72 7.33 18.14 -8.20
N GLY A 73 7.76 17.51 -9.29
CA GLY A 73 7.57 16.08 -9.47
C GLY A 73 6.38 15.83 -10.38
N GLY A 74 6.40 14.75 -11.17
CA GLY A 74 5.30 14.46 -12.08
C GLY A 74 4.28 13.48 -11.52
N GLY A 75 4.32 13.12 -10.24
CA GLY A 75 3.34 12.21 -9.71
C GLY A 75 3.50 10.78 -10.19
N ALA A 76 2.41 10.14 -10.61
CA ALA A 76 2.39 8.73 -10.97
C ALA A 76 2.85 8.52 -12.39
N ASP A 77 4.07 8.96 -12.62
CA ASP A 77 4.71 8.99 -13.94
C ASP A 77 5.73 7.90 -14.24
N GLY A 78 5.93 6.95 -13.33
CA GLY A 78 6.92 5.90 -13.55
C GLY A 78 8.36 6.39 -13.43
N SER A 79 8.57 7.58 -12.84
CA SER A 79 9.92 8.13 -12.76
C SER A 79 10.77 7.27 -11.85
N ILE A 80 10.21 6.55 -10.85
CA ILE A 80 11.04 5.67 -10.01
C ILE A 80 11.69 4.57 -10.86
N ILE A 81 11.19 4.20 -12.04
CA ILE A 81 11.84 3.22 -12.89
C ILE A 81 12.73 3.96 -13.90
N ALA A 82 12.16 4.93 -14.67
CA ALA A 82 12.94 5.62 -15.70
C ALA A 82 14.16 6.34 -15.16
N HIS A 83 14.06 6.83 -13.91
CA HIS A 83 15.13 7.53 -13.21
C HIS A 83 15.50 6.83 -11.92
N SER A 84 15.53 5.49 -11.93
CA SER A 84 15.87 4.74 -10.75
C SER A 84 17.27 5.07 -10.25
N ASN A 85 18.16 5.43 -11.20
CA ASN A 85 19.52 5.78 -10.83
C ASN A 85 19.51 6.95 -9.83
N ILE A 86 18.60 7.92 -9.89
CA ILE A 86 18.66 8.92 -8.87
C ILE A 86 17.65 8.60 -7.77
N GLU A 87 16.43 8.08 -8.08
CA GLU A 87 15.46 7.89 -7.02
C GLU A 87 15.70 6.76 -6.04
N LEU A 88 16.39 5.70 -6.43
CA LEU A 88 16.65 4.64 -5.48
C LEU A 88 17.78 4.95 -4.49
N ALA A 89 18.38 6.14 -4.58
CA ALA A 89 19.38 6.57 -3.62
C ALA A 89 18.70 7.27 -2.43
N PHE A 90 17.40 7.59 -2.58
CA PHE A 90 16.63 8.24 -1.53
C PHE A 90 16.51 7.27 -0.34
N PRO A 91 16.50 7.76 0.91
CA PRO A 91 16.39 6.96 2.14
C PRO A 91 15.23 5.99 2.17
N ALA A 92 14.06 6.43 1.72
CA ALA A 92 12.90 5.57 1.74
C ALA A 92 12.84 4.52 0.63
N ASN A 93 13.79 4.49 -0.33
CA ASN A 93 13.70 3.59 -1.47
C ASN A 93 14.63 2.42 -1.44
N GLY A 94 15.06 1.98 -0.25
CA GLY A 94 15.93 0.83 -0.14
C GLY A 94 15.14 -0.46 -0.32
N GLY A 95 15.80 -1.53 -0.72
CA GLY A 95 15.17 -2.81 -0.90
C GLY A 95 14.20 -2.90 -2.10
N LEU A 96 14.27 -1.99 -3.07
CA LEU A 96 13.37 -1.96 -4.21
C LEU A 96 14.04 -2.28 -5.54
N THR A 97 15.38 -2.20 -5.61
CA THR A 97 16.07 -2.44 -6.86
C THR A 97 15.68 -3.67 -7.65
N ASP A 98 15.61 -4.85 -7.02
CA ASP A 98 15.29 -6.05 -7.76
C ASP A 98 13.90 -5.99 -8.39
N THR A 99 12.91 -5.48 -7.66
CA THR A 99 11.57 -5.36 -8.16
C THR A 99 11.51 -4.33 -9.29
N ILE A 100 12.23 -3.20 -9.18
CA ILE A 100 12.26 -2.17 -10.23
C ILE A 100 12.79 -2.79 -11.53
N GLU A 101 13.84 -3.61 -11.47
CA GLU A 101 14.40 -4.17 -12.69
C GLU A 101 13.47 -5.17 -13.34
N ALA A 102 12.72 -5.92 -12.53
CA ALA A 102 11.78 -6.86 -13.09
C ALA A 102 10.66 -6.09 -13.81
N LEU A 103 10.20 -4.98 -13.25
CA LEU A 103 9.13 -4.18 -13.87
C LEU A 103 9.64 -3.49 -15.14
N ARG A 104 10.87 -2.97 -15.11
CA ARG A 104 11.47 -2.33 -16.28
C ARG A 104 11.38 -3.25 -17.51
N ALA A 105 11.85 -4.49 -17.34
CA ALA A 105 11.86 -5.49 -18.41
C ALA A 105 10.44 -5.75 -18.91
N VAL A 106 9.43 -5.92 -18.04
CA VAL A 106 8.07 -6.15 -18.54
C VAL A 106 7.57 -4.93 -19.36
N GLY A 107 7.81 -3.69 -18.91
CA GLY A 107 7.38 -2.47 -19.59
C GLY A 107 8.02 -2.33 -20.95
N ILE A 108 9.31 -2.61 -21.07
CA ILE A 108 10.03 -2.52 -22.33
C ILE A 108 9.51 -3.60 -23.26
N ASN A 109 9.34 -4.82 -22.78
CA ASN A 109 8.86 -5.92 -23.59
C ASN A 109 7.47 -5.75 -24.08
N HIS A 110 6.58 -5.10 -23.36
CA HIS A 110 5.21 -4.99 -23.83
C HIS A 110 4.91 -3.67 -24.47
N GLY A 111 5.83 -2.72 -24.40
CA GLY A 111 5.61 -1.43 -25.01
C GLY A 111 4.61 -0.58 -24.27
N VAL A 112 4.50 -0.68 -22.93
CA VAL A 112 3.56 0.12 -22.17
C VAL A 112 4.34 1.16 -21.35
N SER A 113 3.74 2.28 -20.95
CA SER A 113 4.47 3.31 -20.22
C SER A 113 4.79 2.84 -18.81
N PHE A 114 5.91 3.24 -18.24
CA PHE A 114 6.24 2.84 -16.87
C PHE A 114 5.22 3.24 -15.83
N GLY A 115 4.63 4.44 -15.91
CA GLY A 115 3.61 4.93 -14.96
C GLY A 115 2.38 4.08 -15.01
N ASP A 116 1.93 3.71 -16.21
CA ASP A 116 0.78 2.83 -16.33
C ASP A 116 1.10 1.44 -15.80
N LEU A 117 2.28 0.91 -16.15
CA LEU A 117 2.66 -0.42 -15.70
C LEU A 117 2.63 -0.57 -14.17
N ILE A 118 3.11 0.43 -13.43
CA ILE A 118 3.12 0.37 -11.97
C ILE A 118 1.69 0.33 -11.45
N GLN A 119 0.77 1.15 -11.97
CA GLN A 119 -0.63 1.13 -11.52
C GLN A 119 -1.30 -0.20 -11.85
N PHE A 120 -0.98 -0.75 -13.01
CA PHE A 120 -1.52 -2.03 -13.44
C PHE A 120 -1.02 -3.14 -12.54
N ALA A 121 0.30 -3.23 -12.33
CA ALA A 121 0.87 -4.29 -11.49
C ALA A 121 0.33 -4.16 -10.09
N THR A 122 -0.04 -2.96 -9.60
CA THR A 122 -0.65 -2.84 -8.25
C THR A 122 -2.05 -3.45 -8.24
N ALA A 123 -2.91 -3.15 -9.22
CA ALA A 123 -4.25 -3.72 -9.23
C ALA A 123 -4.20 -5.25 -9.38
N VAL A 124 -3.35 -5.78 -10.27
CA VAL A 124 -3.18 -7.23 -10.49
C VAL A 124 -2.58 -7.90 -9.25
N GLY A 125 -1.53 -7.38 -8.61
CA GLY A 125 -0.97 -7.97 -7.41
C GLY A 125 -2.00 -8.07 -6.30
N MET A 126 -2.76 -6.97 -6.07
CA MET A 126 -3.79 -7.01 -5.04
C MET A 126 -4.86 -8.04 -5.35
N SER A 127 -5.17 -8.35 -6.62
CA SER A 127 -6.19 -9.34 -6.91
C SER A 127 -5.76 -10.74 -6.49
N ASN A 128 -4.47 -10.98 -6.22
CA ASN A 128 -3.96 -12.26 -5.74
C ASN A 128 -4.10 -12.44 -4.23
N CYS A 129 -4.45 -11.35 -3.53
CA CYS A 129 -4.55 -11.34 -2.09
C CYS A 129 -6.00 -11.38 -1.63
N PRO A 130 -6.45 -12.41 -0.91
CA PRO A 130 -7.83 -12.57 -0.44
C PRO A 130 -8.34 -11.34 0.28
N GLY A 131 -9.56 -10.93 -0.05
CA GLY A 131 -10.15 -9.78 0.64
C GLY A 131 -9.97 -8.48 -0.12
N SER A 132 -9.11 -8.38 -1.13
CA SER A 132 -8.92 -7.13 -1.83
C SER A 132 -10.09 -6.65 -2.68
N PRO A 133 -10.32 -5.33 -2.80
CA PRO A 133 -11.28 -4.78 -3.74
C PRO A 133 -10.63 -4.80 -5.14
N ARG A 134 -11.44 -4.57 -6.19
CA ARG A 134 -10.97 -4.48 -7.54
C ARG A 134 -10.58 -3.03 -7.73
N LEU A 135 -9.30 -2.73 -7.89
CA LEU A 135 -8.87 -1.34 -8.05
C LEU A 135 -9.17 -0.86 -9.46
N GLU A 136 -9.45 0.44 -9.56
CA GLU A 136 -9.66 1.07 -10.86
C GLU A 136 -8.35 1.02 -11.63
N PHE A 137 -8.38 0.85 -12.96
CA PHE A 137 -7.17 0.90 -13.77
C PHE A 137 -7.44 1.76 -15.01
N LEU A 138 -6.68 2.84 -15.11
CA LEU A 138 -6.73 3.77 -16.24
C LEU A 138 -5.43 3.68 -17.02
N THR A 139 -5.44 3.84 -18.34
CA THR A 139 -4.24 3.75 -19.11
C THR A 139 -4.11 5.04 -19.93
N GLY A 140 -2.90 5.35 -20.40
CA GLY A 140 -2.66 6.56 -21.16
C GLY A 140 -1.65 7.52 -20.55
N ARG A 141 -1.09 7.28 -19.36
CA ARG A 141 -0.12 8.20 -18.78
C ARG A 141 1.16 8.24 -19.63
N SER A 142 1.62 9.44 -20.00
CA SER A 142 2.84 9.56 -20.77
C SER A 142 4.03 8.84 -20.14
N ASN A 143 4.84 8.25 -21.00
CA ASN A 143 6.04 7.55 -20.59
C ASN A 143 7.16 8.53 -20.24
N SER A 144 7.09 9.81 -20.60
CA SER A 144 8.14 10.77 -20.26
C SER A 144 8.09 11.26 -18.85
N SER A 145 9.21 11.29 -18.14
CA SER A 145 9.22 11.79 -16.79
C SER A 145 10.56 12.46 -16.48
N GLN A 146 10.55 13.33 -15.48
CA GLN A 146 11.74 13.95 -14.95
C GLN A 146 11.92 13.28 -13.59
N PRO A 147 13.11 13.25 -12.98
CA PRO A 147 13.35 12.66 -11.67
C PRO A 147 12.52 13.34 -10.60
N SER A 148 12.04 12.56 -9.62
CA SER A 148 11.30 13.15 -8.52
C SER A 148 12.27 14.01 -7.72
N PRO A 149 11.83 15.15 -7.16
CA PRO A 149 12.61 15.91 -6.20
C PRO A 149 12.83 15.00 -4.99
N PRO A 150 13.89 15.16 -4.19
CA PRO A 150 14.10 14.38 -2.99
C PRO A 150 13.19 14.89 -1.87
N SER A 151 13.18 14.18 -0.76
CA SER A 151 12.44 14.54 0.44
C SER A 151 10.93 14.59 0.36
N LEU A 152 10.29 13.92 -0.60
CA LEU A 152 8.84 13.98 -0.67
C LEU A 152 8.15 12.70 -0.17
N ILE A 153 8.89 11.69 0.29
CA ILE A 153 8.29 10.46 0.76
C ILE A 153 8.31 10.54 2.29
N PRO A 154 7.15 10.40 2.96
CA PRO A 154 7.05 10.31 4.42
C PRO A 154 7.90 9.15 4.94
N GLY A 155 8.57 9.32 6.07
CA GLY A 155 9.40 8.28 6.66
C GLY A 155 8.82 7.85 8.00
N PRO A 156 9.18 6.67 8.53
CA PRO A 156 8.63 6.13 9.77
C PRO A 156 8.99 6.86 11.06
N GLY A 157 10.04 7.70 11.00
CA GLY A 157 10.45 8.48 12.15
C GLY A 157 9.84 9.87 12.08
N ASN A 158 9.02 10.22 11.09
CA ASN A 158 8.44 11.55 10.99
C ASN A 158 7.31 11.76 11.99
N THR A 159 7.07 12.98 12.47
CA THR A 159 5.95 13.21 13.38
C THR A 159 4.64 13.12 12.58
N VAL A 160 3.49 13.04 13.27
CA VAL A 160 2.20 13.04 12.57
C VAL A 160 2.04 14.38 11.85
N THR A 161 2.42 15.52 12.45
CA THR A 161 2.30 16.79 11.76
C THR A 161 3.09 16.76 10.46
N ALA A 162 4.33 16.26 10.45
CA ALA A 162 5.13 16.19 9.22
C ALA A 162 4.48 15.32 8.13
N ILE A 163 3.94 14.17 8.53
CA ILE A 163 3.28 13.26 7.60
C ILE A 163 2.01 13.94 7.08
N LEU A 164 1.14 14.52 7.92
CA LEU A 164 -0.06 15.14 7.40
C LEU A 164 0.24 16.35 6.51
N ASP A 165 1.27 17.17 6.77
CA ASP A 165 1.59 18.27 5.89
C ASP A 165 2.07 17.77 4.54
N ARG A 166 2.92 16.75 4.48
CA ARG A 166 3.43 16.22 3.21
C ARG A 166 2.31 15.63 2.37
N MET A 167 1.52 14.78 3.01
CA MET A 167 0.40 14.14 2.36
C MET A 167 -0.66 15.20 2.00
N GLY A 168 -0.87 16.25 2.80
CA GLY A 168 -1.83 17.29 2.49
C GLY A 168 -1.39 18.09 1.27
N ASP A 169 -0.08 18.37 1.15
CA ASP A 169 0.46 19.09 0.01
C ASP A 169 0.17 18.27 -1.25
N ALA A 170 0.42 16.96 -1.21
CA ALA A 170 0.12 16.10 -2.34
C ALA A 170 -1.38 16.07 -2.65
N GLY A 171 -2.25 16.40 -1.68
CA GLY A 171 -3.68 16.51 -1.89
C GLY A 171 -4.53 15.63 -1.00
N PHE A 172 -4.01 14.91 -0.01
CA PHE A 172 -4.82 14.04 0.81
C PHE A 172 -5.20 14.65 2.14
N SER A 173 -6.44 14.45 2.55
CA SER A 173 -6.93 14.91 3.84
C SER A 173 -6.42 13.98 4.92
N PRO A 174 -6.45 14.26 6.24
CA PRO A 174 -6.02 13.31 7.29
C PRO A 174 -6.75 11.95 7.18
N ASP A 175 -8.06 11.97 6.86
CA ASP A 175 -8.82 10.76 6.70
C ASP A 175 -8.24 9.91 5.58
N GLU A 176 -7.91 10.50 4.43
CA GLU A 176 -7.41 9.72 3.31
C GLU A 176 -6.05 9.14 3.61
N VAL A 177 -5.26 9.78 4.48
CA VAL A 177 -3.97 9.23 4.86
C VAL A 177 -4.27 7.93 5.63
N VAL A 178 -5.26 7.91 6.53
CA VAL A 178 -5.57 6.69 7.26
C VAL A 178 -6.07 5.65 6.27
N ASP A 179 -6.88 6.05 5.29
CA ASP A 179 -7.43 5.08 4.34
C ASP A 179 -6.37 4.39 3.50
N LEU A 180 -5.37 5.18 3.10
CA LEU A 180 -4.26 4.72 2.29
C LEU A 180 -3.42 3.69 3.03
N LEU A 181 -3.33 3.83 4.36
CA LEU A 181 -2.56 2.94 5.18
C LEU A 181 -3.14 1.54 5.31
N ALA A 182 -4.31 1.26 4.73
CA ALA A 182 -4.86 -0.10 4.74
C ALA A 182 -3.85 -1.01 4.02
N ALA A 183 -2.98 -0.50 3.14
CA ALA A 183 -1.99 -1.33 2.49
C ALA A 183 -1.01 -1.94 3.50
N HIS A 184 -0.87 -1.42 4.73
CA HIS A 184 -0.01 -2.08 5.71
C HIS A 184 -0.68 -3.36 6.28
N SER A 185 -1.88 -3.72 5.80
CA SER A 185 -2.50 -4.98 6.14
C SER A 185 -1.84 -6.07 5.28
N LEU A 186 -1.02 -5.75 4.26
CA LEU A 186 -0.34 -6.73 3.41
C LEU A 186 1.12 -6.32 3.49
N ALA A 187 1.74 -6.39 4.68
CA ALA A 187 3.07 -5.82 4.85
C ALA A 187 3.99 -6.47 5.85
N SER A 188 5.28 -6.20 5.65
CA SER A 188 6.31 -6.64 6.57
C SER A 188 7.40 -5.58 6.45
N GLN A 189 8.48 -5.68 7.22
CA GLN A 189 9.59 -4.77 7.00
C GLN A 189 10.82 -5.65 6.74
N GLU A 190 11.79 -5.15 6.00
CA GLU A 190 13.04 -5.87 5.78
C GLU A 190 14.24 -5.03 6.17
N GLY A 191 14.12 -3.71 6.06
CA GLY A 191 15.25 -2.84 6.33
C GLY A 191 15.22 -2.05 7.62
N LEU A 192 14.21 -2.08 8.47
CA LEU A 192 14.19 -1.31 9.71
C LEU A 192 14.87 -2.11 10.80
N ASN A 193 14.68 -3.43 10.82
CA ASN A 193 15.31 -4.31 11.78
C ASN A 193 15.60 -5.60 10.99
N SER A 194 16.79 -5.68 10.38
CA SER A 194 17.16 -6.81 9.54
C SER A 194 17.33 -8.11 10.33
N ALA A 195 17.46 -8.04 11.66
CA ALA A 195 17.52 -9.23 12.48
C ALA A 195 16.21 -10.02 12.50
N ILE A 196 15.09 -9.39 12.16
CA ILE A 196 13.80 -10.07 12.11
C ILE A 196 13.19 -9.72 10.74
N PHE A 197 13.94 -10.14 9.73
CA PHE A 197 13.59 -9.95 8.33
C PHE A 197 12.18 -10.52 8.05
N ARG A 198 11.42 -9.65 7.38
CA ARG A 198 10.05 -9.88 6.94
C ARG A 198 9.10 -10.10 8.11
N SER A 199 9.33 -9.45 9.26
CA SER A 199 8.39 -9.55 10.35
C SER A 199 7.12 -8.84 9.87
N PRO A 200 5.92 -9.43 9.93
CA PRO A 200 4.68 -8.82 9.46
C PRO A 200 4.23 -7.61 10.28
N LEU A 201 3.48 -6.70 9.65
CA LEU A 201 2.93 -5.55 10.34
C LEU A 201 1.56 -5.94 10.92
N ASP A 202 0.90 -7.01 10.47
CA ASP A 202 -0.30 -7.47 11.17
C ASP A 202 -0.26 -8.99 11.12
N SER A 203 -1.22 -9.68 11.72
CA SER A 203 -1.18 -11.14 11.77
C SER A 203 -1.62 -11.83 10.51
N THR A 204 -2.09 -11.13 9.47
CA THR A 204 -2.48 -11.77 8.24
C THR A 204 -1.79 -11.02 7.11
N PRO A 205 -0.47 -11.11 6.87
CA PRO A 205 0.20 -10.37 5.78
C PRO A 205 -0.25 -10.78 4.37
N GLN A 206 -1.05 -11.85 4.28
CA GLN A 206 -1.54 -12.29 3.00
C GLN A 206 -3.05 -12.13 2.89
N VAL A 207 -3.71 -11.36 3.76
CA VAL A 207 -5.16 -11.16 3.68
C VAL A 207 -5.38 -9.65 3.83
N PHE A 208 -6.14 -9.02 2.92
CA PHE A 208 -6.39 -7.59 2.97
C PHE A 208 -7.61 -7.45 3.86
N ASP A 209 -7.32 -7.14 5.12
CA ASP A 209 -8.34 -7.05 6.12
C ASP A 209 -8.05 -5.93 7.13
N THR A 210 -8.92 -5.85 8.08
CA THR A 210 -8.90 -4.90 9.16
C THR A 210 -7.88 -5.13 10.29
N GLN A 211 -7.24 -6.31 10.35
CA GLN A 211 -6.33 -6.66 11.44
C GLN A 211 -5.25 -5.64 11.72
N PHE A 212 -4.67 -5.00 10.72
CA PHE A 212 -3.66 -3.97 10.95
C PHE A 212 -4.20 -2.84 11.81
N TYR A 213 -5.42 -2.36 11.62
CA TYR A 213 -5.93 -1.27 12.43
C TYR A 213 -6.15 -1.71 13.87
N ILE A 214 -6.63 -2.93 14.10
CA ILE A 214 -6.88 -3.47 15.45
C ILE A 214 -5.57 -3.64 16.21
N GLU A 215 -4.65 -4.35 15.55
CA GLU A 215 -3.39 -4.69 16.19
C GLU A 215 -2.45 -3.54 16.49
N THR A 216 -2.41 -2.46 15.70
CA THR A 216 -1.57 -1.31 16.02
C THR A 216 -2.12 -0.58 17.25
N LEU A 217 -3.41 -0.73 17.57
CA LEU A 217 -4.07 -0.08 18.70
C LEU A 217 -3.82 -0.81 20.02
N LEU A 218 -3.33 -2.05 19.94
CA LEU A 218 -3.09 -2.87 21.13
C LEU A 218 -1.91 -2.33 21.88
N LYS A 219 -1.92 -2.57 23.18
CA LYS A 219 -0.84 -2.13 24.04
C LYS A 219 0.49 -2.71 23.55
N GLY A 220 1.55 -1.93 23.37
CA GLY A 220 2.86 -2.44 22.96
C GLY A 220 3.50 -3.14 24.18
N THR A 221 3.69 -4.43 24.05
CA THR A 221 4.16 -5.33 25.09
C THR A 221 5.47 -6.08 24.91
N THR A 222 5.75 -6.38 23.64
CA THR A 222 6.81 -7.28 23.24
C THR A 222 7.90 -6.65 22.41
N GLN A 223 9.16 -7.05 22.55
CA GLN A 223 10.23 -6.56 21.72
C GLN A 223 10.38 -7.80 20.85
N PRO A 224 10.06 -7.82 19.55
CA PRO A 224 10.17 -9.02 18.72
C PRO A 224 11.59 -9.48 18.37
N GLY A 225 12.58 -8.60 18.36
CA GLY A 225 13.91 -9.00 17.97
C GLY A 225 14.94 -8.76 19.05
N PRO A 226 16.22 -9.04 18.77
CA PRO A 226 17.30 -8.88 19.75
C PRO A 226 17.57 -7.45 20.20
N SER A 227 17.30 -6.47 19.35
CA SER A 227 17.40 -5.08 19.71
C SER A 227 16.28 -4.37 18.97
N LEU A 228 16.15 -3.04 19.13
CA LEU A 228 15.13 -2.29 18.42
C LEU A 228 15.81 -1.67 17.21
N GLY A 229 15.09 -1.68 16.09
CA GLY A 229 15.58 -1.14 14.84
C GLY A 229 15.16 0.33 14.70
N PHE A 230 15.41 0.85 13.49
CA PHE A 230 15.04 2.22 13.20
C PHE A 230 13.52 2.36 13.26
N ALA A 231 13.10 3.35 14.05
CA ALA A 231 11.71 3.72 14.24
C ALA A 231 10.82 2.57 14.69
N GLU A 232 11.38 1.61 15.44
CA GLU A 232 10.65 0.48 15.94
C GLU A 232 10.11 0.75 17.34
N GLU A 233 8.89 0.27 17.61
CA GLU A 233 8.17 0.40 18.86
C GLU A 233 7.87 -0.99 19.38
N LEU A 234 7.53 -1.16 20.65
CA LEU A 234 7.15 -2.46 21.20
C LEU A 234 5.85 -2.89 20.49
N SER A 235 5.69 -4.18 20.22
CA SER A 235 4.53 -4.68 19.51
C SER A 235 3.65 -5.47 20.44
N PRO A 236 2.48 -5.97 20.04
CA PRO A 236 1.62 -6.70 20.93
C PRO A 236 1.95 -8.16 21.09
N PHE A 237 2.76 -8.81 20.25
CA PHE A 237 3.06 -10.22 20.41
C PHE A 237 4.27 -10.59 19.53
N PRO A 238 4.98 -11.69 19.85
CA PRO A 238 6.15 -12.15 19.14
C PRO A 238 6.01 -12.20 17.62
N GLY A 239 7.02 -11.74 16.89
CA GLY A 239 6.98 -11.81 15.45
C GLY A 239 6.33 -10.62 14.76
N GLU A 240 5.49 -9.84 15.43
CA GLU A 240 4.90 -8.69 14.79
C GLU A 240 5.80 -7.48 15.04
N PHE A 241 5.96 -6.66 14.01
CA PHE A 241 6.79 -5.48 14.04
C PHE A 241 5.85 -4.29 14.15
N ARG A 242 6.17 -3.26 14.94
CA ARG A 242 5.34 -2.07 15.00
C ARG A 242 6.21 -0.87 14.68
N MET A 243 5.90 -0.07 13.64
CA MET A 243 6.70 1.12 13.35
C MET A 243 6.04 2.34 14.01
N ARG A 244 6.91 3.26 14.45
CA ARG A 244 6.51 4.47 15.16
C ARG A 244 5.43 5.30 14.49
N SER A 245 5.49 5.56 13.18
CA SER A 245 4.50 6.37 12.50
C SER A 245 3.12 5.73 12.57
N ASP A 246 3.03 4.40 12.42
CA ASP A 246 1.76 3.69 12.52
C ASP A 246 1.21 3.77 13.93
N ALA A 247 2.07 3.57 14.96
CA ALA A 247 1.66 3.67 16.34
C ALA A 247 1.15 5.08 16.65
N LEU A 248 1.87 6.11 16.21
CA LEU A 248 1.47 7.50 16.46
C LEU A 248 0.18 7.88 15.71
N LEU A 249 0.03 7.53 14.44
CA LEU A 249 -1.18 7.85 13.70
C LEU A 249 -2.37 7.12 14.29
N ALA A 250 -2.22 5.94 14.87
CA ALA A 250 -3.36 5.28 15.48
C ALA A 250 -3.86 6.02 16.72
N ARG A 251 -2.96 6.70 17.41
CA ARG A 251 -3.30 7.36 18.65
C ARG A 251 -3.46 8.86 18.59
N ASP A 252 -3.06 9.55 17.52
CA ASP A 252 -3.14 10.99 17.46
C ASP A 252 -4.57 11.47 17.34
N SER A 253 -4.97 12.57 17.99
CA SER A 253 -6.36 13.01 17.90
C SER A 253 -6.84 13.42 16.52
N ARG A 254 -5.94 13.83 15.63
CA ARG A 254 -6.32 14.19 14.27
C ARG A 254 -6.65 12.96 13.40
N THR A 255 -6.20 11.73 13.74
CA THR A 255 -6.42 10.58 12.88
C THR A 255 -7.07 9.42 13.60
N ALA A 256 -7.09 9.48 14.94
CA ALA A 256 -7.59 8.37 15.74
C ALA A 256 -9.01 7.94 15.51
N CYS A 257 -9.97 8.84 15.26
CA CYS A 257 -11.31 8.35 15.08
C CYS A 257 -11.48 7.62 13.74
N ARG A 258 -10.83 8.07 12.67
CA ARG A 258 -10.89 7.37 11.40
C ARG A 258 -10.19 6.01 11.55
N TRP A 259 -9.03 5.94 12.23
CA TRP A 259 -8.34 4.67 12.46
C TRP A 259 -9.27 3.68 13.16
N GLN A 260 -9.98 4.14 14.19
CA GLN A 260 -10.91 3.28 14.92
C GLN A 260 -12.07 2.82 14.05
N SER A 261 -12.59 3.67 13.18
CA SER A 261 -13.71 3.29 12.33
C SER A 261 -13.35 2.20 11.31
N MET A 262 -12.04 2.02 11.06
CA MET A 262 -11.50 1.04 10.12
C MET A 262 -11.36 -0.32 10.73
N THR A 263 -11.63 -0.50 12.02
CA THR A 263 -11.43 -1.79 12.65
C THR A 263 -12.51 -2.83 12.45
N SER A 264 -13.79 -2.50 12.25
CA SER A 264 -14.76 -3.57 12.29
C SER A 264 -15.37 -4.08 11.01
N SER A 265 -15.05 -3.39 9.90
CA SER A 265 -15.63 -3.76 8.65
C SER A 265 -14.63 -3.75 7.51
N ASN A 266 -14.42 -4.95 7.00
CA ASN A 266 -13.57 -5.15 5.86
C ASN A 266 -14.18 -4.49 4.63
N GLU A 267 -15.53 -4.46 4.55
CA GLU A 267 -16.22 -3.84 3.42
C GLU A 267 -16.00 -2.33 3.36
N VAL A 268 -16.16 -1.62 4.47
CA VAL A 268 -15.94 -0.18 4.54
C VAL A 268 -14.46 0.11 4.27
N MET A 269 -13.51 -0.64 4.86
CA MET A 269 -12.09 -0.39 4.65
C MET A 269 -11.77 -0.53 3.16
N GLY A 270 -12.25 -1.59 2.51
CA GLY A 270 -11.93 -1.81 1.11
C GLY A 270 -12.45 -0.68 0.21
N GLN A 271 -13.66 -0.15 0.46
CA GLN A 271 -14.22 0.92 -0.35
C GLN A 271 -13.40 2.19 -0.20
N ARG A 272 -13.04 2.55 1.03
CA ARG A 272 -12.28 3.77 1.32
C ARG A 272 -10.88 3.68 0.70
N TYR A 273 -10.25 2.52 0.85
CA TYR A 273 -8.94 2.29 0.25
C TYR A 273 -9.03 2.41 -1.26
N ARG A 274 -9.99 1.79 -1.94
CA ARG A 274 -10.13 1.86 -3.38
C ARG A 274 -10.30 3.30 -3.85
N ALA A 275 -11.06 4.12 -3.13
CA ALA A 275 -11.28 5.50 -3.51
C ALA A 275 -9.97 6.28 -3.35
N ALA A 276 -9.22 6.10 -2.24
CA ALA A 276 -7.98 6.83 -2.03
C ALA A 276 -6.92 6.41 -3.04
N MET A 277 -6.86 5.12 -3.42
CA MET A 277 -5.90 4.65 -4.43
C MET A 277 -6.23 5.21 -5.79
N ALA A 278 -7.51 5.37 -6.13
CA ALA A 278 -7.86 5.93 -7.44
C ALA A 278 -7.38 7.37 -7.50
N LYS A 279 -7.47 8.10 -6.39
CA LYS A 279 -6.99 9.47 -6.35
C LYS A 279 -5.46 9.49 -6.47
N MET A 280 -4.75 8.64 -5.74
CA MET A 280 -3.31 8.60 -5.83
C MET A 280 -2.80 8.20 -7.22
N SER A 281 -3.51 7.34 -7.95
CA SER A 281 -3.07 6.88 -9.27
C SER A 281 -3.01 7.95 -10.34
N VAL A 282 -3.69 9.08 -10.13
CA VAL A 282 -3.67 10.09 -11.17
C VAL A 282 -3.00 11.36 -10.70
N LEU A 283 -2.21 11.35 -9.60
CA LEU A 283 -1.49 12.54 -9.17
C LEU A 283 -0.53 12.91 -10.31
N GLY A 284 -0.63 14.15 -10.78
CA GLY A 284 0.16 14.66 -11.89
C GLY A 284 -0.54 14.52 -13.24
N PHE A 285 -1.75 13.94 -13.28
CA PHE A 285 -2.49 13.68 -14.52
C PHE A 285 -3.93 14.14 -14.43
N ASP A 286 -4.57 14.25 -15.57
CA ASP A 286 -5.98 14.57 -15.62
C ASP A 286 -6.61 13.23 -15.92
N ARG A 287 -7.43 12.72 -15.01
CA ARG A 287 -8.03 11.42 -15.25
C ARG A 287 -8.96 11.42 -16.43
N ASN A 288 -9.49 12.59 -16.84
CA ASN A 288 -10.40 12.63 -17.98
C ASN A 288 -9.63 12.48 -19.27
N ALA A 289 -8.31 12.60 -19.25
CA ALA A 289 -7.57 12.33 -20.47
C ALA A 289 -7.11 10.86 -20.55
N LEU A 290 -7.47 10.01 -19.58
CA LEU A 290 -7.02 8.61 -19.59
C LEU A 290 -8.15 7.70 -20.03
N THR A 291 -7.85 6.46 -20.40
CA THR A 291 -8.85 5.48 -20.83
C THR A 291 -9.02 4.44 -19.73
N ASP A 292 -10.26 4.15 -19.39
CA ASP A 292 -10.59 3.18 -18.37
C ASP A 292 -10.52 1.77 -18.88
N CYS A 293 -9.63 0.98 -18.30
CA CYS A 293 -9.50 -0.43 -18.63
C CYS A 293 -9.66 -1.27 -17.36
N SER A 294 -10.58 -0.83 -16.47
CA SER A 294 -10.77 -1.53 -15.19
C SER A 294 -11.31 -2.95 -15.34
N ASP A 295 -12.04 -3.20 -16.44
CA ASP A 295 -12.58 -4.51 -16.66
C ASP A 295 -11.49 -5.53 -16.94
N VAL A 296 -10.22 -5.15 -17.17
CA VAL A 296 -9.15 -6.13 -17.39
C VAL A 296 -8.75 -6.73 -16.03
N ILE A 297 -8.99 -6.05 -14.91
CA ILE A 297 -8.57 -6.49 -13.58
C ILE A 297 -9.49 -7.60 -13.04
N PRO A 298 -8.97 -8.79 -12.69
CA PRO A 298 -9.79 -9.87 -12.16
C PRO A 298 -10.18 -9.67 -10.69
N SER A 299 -11.20 -10.41 -10.28
CA SER A 299 -11.67 -10.40 -8.90
C SER A 299 -10.72 -11.17 -7.99
N ALA A 300 -10.59 -10.76 -6.73
CA ALA A 300 -9.79 -11.47 -5.74
C ALA A 300 -10.74 -12.47 -5.07
N VAL A 301 -10.23 -13.53 -4.44
CA VAL A 301 -11.08 -14.45 -3.71
C VAL A 301 -11.56 -13.71 -2.45
N SER A 302 -12.81 -13.92 -2.01
CA SER A 302 -13.32 -13.27 -0.83
C SER A 302 -12.71 -13.76 0.48
N ASN A 303 -12.66 -12.84 1.42
CA ASN A 303 -12.15 -13.13 2.73
C ASN A 303 -13.39 -13.38 3.57
N ASN A 304 -13.55 -14.58 4.11
CA ASN A 304 -14.71 -14.92 4.93
C ASN A 304 -14.47 -14.83 6.43
N ALA A 305 -13.27 -14.47 6.87
CA ALA A 305 -12.99 -14.35 8.29
C ALA A 305 -13.48 -13.01 8.83
N ALA A 306 -13.99 -13.00 10.05
CA ALA A 306 -14.43 -11.80 10.71
C ALA A 306 -13.24 -11.17 11.45
N PRO A 307 -13.24 -9.85 11.67
CA PRO A 307 -12.24 -9.12 12.47
C PRO A 307 -12.16 -9.73 13.87
N VAL A 308 -10.99 -9.83 14.48
CA VAL A 308 -10.87 -10.40 15.82
C VAL A 308 -9.72 -9.73 16.53
N ILE A 309 -9.79 -9.75 17.86
CA ILE A 309 -8.71 -9.27 18.69
C ILE A 309 -8.04 -10.61 18.90
N PRO A 310 -6.80 -10.81 18.47
CA PRO A 310 -6.12 -12.11 18.60
C PRO A 310 -5.55 -12.46 19.96
N GLY A 311 -5.38 -13.78 20.10
CA GLY A 311 -4.72 -14.43 21.20
C GLY A 311 -5.17 -14.19 22.61
N GLY A 312 -6.44 -14.09 22.90
CA GLY A 312 -6.88 -13.91 24.28
C GLY A 312 -6.86 -12.49 24.77
N LEU A 313 -6.36 -11.51 23.99
CA LEU A 313 -6.37 -10.12 24.42
C LEU A 313 -7.82 -9.67 24.28
N THR A 314 -8.20 -8.60 24.96
CA THR A 314 -9.56 -8.13 24.96
C THR A 314 -9.51 -6.67 24.61
N VAL A 315 -10.69 -6.05 24.71
CA VAL A 315 -10.85 -4.63 24.48
C VAL A 315 -10.07 -3.83 25.53
N ASP A 316 -9.83 -4.40 26.71
CA ASP A 316 -9.08 -3.70 27.74
C ASP A 316 -7.61 -3.61 27.37
N ASP A 317 -7.15 -4.33 26.34
CA ASP A 317 -5.77 -4.24 25.93
C ASP A 317 -5.64 -3.23 24.82
N ILE A 318 -6.73 -2.70 24.23
CA ILE A 318 -6.50 -1.72 23.18
C ILE A 318 -6.62 -0.38 23.86
N GLU A 319 -5.73 0.48 23.39
CA GLU A 319 -5.59 1.85 23.85
C GLU A 319 -6.53 2.77 23.10
N VAL A 320 -7.81 2.79 23.49
CA VAL A 320 -8.84 3.59 22.80
C VAL A 320 -8.41 5.05 22.83
N SER A 321 -8.35 5.59 21.63
CA SER A 321 -7.88 6.93 21.40
C SER A 321 -8.89 7.83 20.72
N CYS A 322 -10.08 7.39 20.35
CA CYS A 322 -11.04 8.29 19.75
C CYS A 322 -12.01 8.62 20.88
N PRO A 323 -11.93 9.82 21.44
CA PRO A 323 -12.74 10.25 22.56
C PRO A 323 -14.23 10.32 22.30
N SER A 324 -14.69 10.35 21.07
CA SER A 324 -16.12 10.45 20.85
C SER A 324 -16.91 9.16 20.58
N GLU A 325 -16.29 8.24 19.85
CA GLU A 325 -16.89 7.00 19.38
C GLU A 325 -16.46 5.88 20.31
N PRO A 326 -17.34 5.08 20.91
CA PRO A 326 -16.96 3.92 21.68
C PRO A 326 -16.34 2.89 20.71
N PHE A 327 -15.36 2.12 21.22
CA PHE A 327 -14.70 1.11 20.41
C PHE A 327 -15.74 0.08 19.97
N PRO A 328 -15.79 -0.28 18.68
CA PRO A 328 -16.71 -1.29 18.14
C PRO A 328 -16.57 -2.66 18.80
N GLU A 329 -17.65 -3.44 18.81
CA GLU A 329 -17.60 -4.73 19.45
C GLU A 329 -17.00 -5.69 18.43
N ILE A 330 -15.81 -6.16 18.73
CA ILE A 330 -15.08 -7.05 17.84
C ILE A 330 -14.94 -8.33 18.62
N ALA A 331 -14.98 -9.43 17.89
CA ALA A 331 -14.83 -10.74 18.47
C ALA A 331 -13.46 -10.98 19.08
N THR A 332 -13.37 -11.82 20.09
CA THR A 332 -12.14 -12.12 20.79
C THR A 332 -11.81 -13.59 20.45
N ALA A 333 -10.59 -14.07 20.65
CA ALA A 333 -10.28 -15.45 20.32
C ALA A 333 -9.66 -16.10 21.54
N SER A 334 -10.19 -17.22 22.02
CA SER A 334 -9.64 -17.94 23.17
C SER A 334 -8.31 -18.49 22.66
N GLY A 335 -7.16 -18.04 23.12
CA GLY A 335 -5.94 -18.66 22.63
C GLY A 335 -4.75 -18.15 23.38
N PRO A 336 -3.56 -18.79 23.27
CA PRO A 336 -2.31 -18.23 23.76
C PRO A 336 -1.97 -17.11 22.76
N LEU A 337 -1.12 -16.19 23.18
CA LEU A 337 -0.67 -15.10 22.34
C LEU A 337 0.00 -15.68 21.07
N PRO A 338 -0.27 -15.22 19.85
CA PRO A 338 0.40 -15.73 18.66
C PRO A 338 1.88 -15.34 18.59
N SER A 339 2.64 -16.00 17.70
CA SER A 339 4.04 -15.70 17.42
C SER A 339 3.94 -15.77 15.89
N LEU A 340 4.20 -14.66 15.22
CA LEU A 340 4.05 -14.62 13.80
C LEU A 340 5.25 -15.12 13.04
N ALA A 341 5.00 -15.95 12.03
CA ALA A 341 6.04 -16.40 11.13
C ALA A 341 6.39 -15.24 10.20
N PRO A 342 7.57 -15.16 9.58
CA PRO A 342 7.90 -14.13 8.62
C PRO A 342 6.87 -14.12 7.48
N ALA A 343 6.57 -12.95 6.88
CA ALA A 343 5.64 -12.87 5.76
C ALA A 343 6.35 -13.60 4.61
N PRO A 344 5.66 -14.33 3.71
CA PRO A 344 6.28 -15.12 2.64
C PRO A 344 6.95 -14.37 1.49
C1 NAG B . 9.78 4.67 -21.75
C2 NAG B . 10.00 3.73 -22.93
C3 NAG B . 11.15 2.80 -22.67
C4 NAG B . 12.39 3.62 -22.26
C5 NAG B . 12.13 4.70 -21.23
C6 NAG B . 13.33 5.64 -21.19
C7 NAG B . 7.99 3.19 -24.20
C8 NAG B . 6.79 2.31 -24.41
N2 NAG B . 8.84 2.90 -23.22
O3 NAG B . 11.41 2.06 -23.85
O4 NAG B . 13.32 2.75 -21.64
O5 NAG B . 10.96 5.47 -21.60
O6 NAG B . 13.18 6.45 -20.03
O7 NAG B . 8.13 4.22 -24.86
C1 NAG B . 14.44 2.34 -22.41
C2 NAG B . 15.40 1.69 -21.44
C3 NAG B . 16.55 1.13 -22.27
C4 NAG B . 16.04 0.18 -23.36
C5 NAG B . 15.09 0.95 -24.29
C6 NAG B . 14.53 0.06 -25.40
C7 NAG B . 15.42 2.74 -19.24
C8 NAG B . 15.89 3.84 -18.33
N2 NAG B . 15.87 2.69 -20.49
O3 NAG B . 17.43 0.42 -21.43
O4 NAG B . 17.17 -0.34 -24.07
O5 NAG B . 14.03 1.44 -23.45
O6 NAG B . 13.18 0.37 -25.69
O7 NAG B . 14.65 1.88 -18.77
C CYN C . 5.51 2.47 2.48
N CYN C . 6.41 3.06 2.06
CA CA D . 7.08 9.60 -9.80
CA CA E . -3.80 -8.32 6.96
CHA HEM F . 6.24 -1.10 4.40
CHB HEM F . 6.57 3.44 5.93
CHC HEM F . 2.36 4.39 3.83
CHD HEM F . 2.60 0.19 1.56
C1A HEM F . 6.68 0.06 5.00
C2A HEM F . 7.99 0.20 5.60
C3A HEM F . 8.13 1.50 5.97
C4A HEM F . 6.90 2.15 5.58
CMA HEM F . 9.29 2.17 6.70
CAA HEM F . 8.96 -0.95 5.73
CBA HEM F . 9.81 -1.17 4.50
CGA HEM F . 10.98 -2.12 4.75
O1A HEM F . 11.09 -3.12 4.07
O2A HEM F . 11.78 -1.88 5.67
C1B HEM F . 5.38 4.05 5.61
C2B HEM F . 5.00 5.38 6.05
C3B HEM F . 3.79 5.64 5.49
C4B HEM F . 3.42 4.46 4.72
CMB HEM F . 5.79 6.31 6.96
CAB HEM F . 3.16 6.89 5.43
CBB HEM F . 2.12 7.33 6.31
C1C HEM F . 2.13 3.39 2.94
C2C HEM F . 1.20 3.47 1.85
C3C HEM F . 1.34 2.32 1.12
C4C HEM F . 2.33 1.53 1.83
CMC HEM F . 0.26 4.64 1.58
CAC HEM F . 0.80 1.99 -0.12
CBC HEM F . -0.57 2.11 -0.55
C1D HEM F . 3.53 -0.60 2.24
C2D HEM F . 3.71 -2.02 2.05
C3D HEM F . 4.75 -2.38 2.84
C4D HEM F . 5.16 -1.19 3.55
CMD HEM F . 2.82 -2.93 1.23
CAD HEM F . 5.36 -3.75 3.00
CBD HEM F . 6.60 -4.03 2.16
CGD HEM F . 7.16 -5.43 2.24
O1D HEM F . 8.14 -5.73 1.60
O2D HEM F . 6.61 -6.25 2.96
NA HEM F . 6.05 1.28 4.93
NB HEM F . 4.40 3.48 4.81
NC HEM F . 2.85 2.21 2.88
ND HEM F . 4.38 -0.11 3.20
FE HEM F . 4.39 1.69 3.98
#